data_4F79
#
_entry.id   4F79
#
_cell.length_a   82.278
_cell.length_b   82.278
_cell.length_c   221.211
_cell.angle_alpha   90.00
_cell.angle_beta   90.00
_cell.angle_gamma   90.00
#
_symmetry.space_group_name_H-M   'P 41 21 2'
#
loop_
_entity.id
_entity.type
_entity.pdbx_description
1 polymer 'Putative phospho-beta-glucosidase'
2 non-polymer '2-(hydroxymethyl)phenyl 6-O-phosphono-beta-D-glucopyranoside'
3 non-polymer GLYCEROL
4 water water
#
_entity_poly.entity_id   1
_entity_poly.type   'polypeptide(L)'
_entity_poly.pdbx_seq_one_letter_code
;SNAMSKLPENFLWGGAVAAHQLEGGWQEGGKGISVADVMTAGRHGVAREITAGVLEGKYYPNHEAIDFYHHYKEDVKLFA
EMGFKCFRTSIAWTRIFPKGDEAEPNEAGLQFYDDLFDECLKYGIEPVVTLSHFELPYHLVTEYGGFTNRKVIDFFVHFA
EVCFRRYKDKVKYWMTFNEINNQANYQEDFAPFTNSGIVYKEGDDREAIMYQAAHYELVASARAVKIGHAINPNLNIGCM
VAMCPIYPATCNPKDILMAQKAMQKRYYFADVHVHGFYPEHIFKYWERKAIKVDFTERDKKDLFEGTVDYIGFSYYMSFV
IDAHRENNPYYDYLETEDLVKNPYVKASDWDWQIDPQGLRYALNWFTDMYHLPLFIVQNGFGAIDQVEADGMVHDDYRID
YLGAHIKEMIKAVDEDGVELMGYTPWGCIDLVSAGTGEMRKRYGFIYVDKDDEGKGTLKRSPKLSFNWYKEVIASNGDDI
;
_entity_poly.pdbx_strand_id   A
#
loop_
_chem_comp.id
_chem_comp.type
_chem_comp.name
_chem_comp.formula
GOL non-polymer GLYCEROL 'C3 H8 O3'
P53 D-saccharide '2-(hydroxymethyl)phenyl 6-O-phosphono-beta-D-glucopyranoside' 'C13 H19 O10 P'
#
# COMPACT_ATOMS: atom_id res chain seq x y z
N ALA A 3 -4.58 20.66 -25.38
CA ALA A 3 -6.02 20.85 -25.18
C ALA A 3 -6.81 19.64 -25.67
N MET A 4 -6.34 18.44 -25.33
CA MET A 4 -7.02 17.20 -25.73
C MET A 4 -7.98 16.78 -24.63
N SER A 5 -7.52 16.93 -23.40
CA SER A 5 -8.27 16.53 -22.22
C SER A 5 -7.88 17.41 -21.04
N LYS A 6 -8.39 17.06 -19.86
CA LYS A 6 -8.12 17.84 -18.66
C LYS A 6 -6.85 17.39 -17.92
N LEU A 7 -6.39 16.18 -18.19
CA LEU A 7 -5.16 15.67 -17.58
C LEU A 7 -3.98 15.76 -18.55
N PRO A 8 -2.75 15.75 -18.01
CA PRO A 8 -1.56 15.80 -18.87
C PRO A 8 -1.48 14.59 -19.82
N GLU A 9 -0.95 14.79 -21.02
CA GLU A 9 -0.90 13.74 -22.04
C GLU A 9 -0.23 12.46 -21.54
N ASN A 10 0.70 12.60 -20.60
CA ASN A 10 1.51 11.47 -20.17
C ASN A 10 1.03 10.87 -18.86
N PHE A 11 -0.18 11.27 -18.44
CA PHE A 11 -0.79 10.82 -17.20
C PHE A 11 -0.72 9.30 -17.04
N LEU A 12 -0.27 8.85 -15.87
CA LEU A 12 0.01 7.43 -15.72
C LEU A 12 -1.17 6.61 -15.20
N TRP A 13 -2.02 6.16 -16.12
CA TRP A 13 -3.07 5.21 -15.76
C TRP A 13 -2.48 3.82 -15.70
N GLY A 14 -2.81 3.09 -14.64
CA GLY A 14 -2.38 1.70 -14.56
C GLY A 14 -3.30 0.79 -13.75
N GLY A 15 -2.69 -0.23 -13.15
CA GLY A 15 -3.38 -1.13 -12.24
C GLY A 15 -2.39 -1.50 -11.16
N ALA A 16 -2.84 -1.73 -9.94
CA ALA A 16 -1.89 -2.06 -8.88
C ALA A 16 -2.18 -3.36 -8.17
N VAL A 17 -1.12 -4.08 -7.85
CA VAL A 17 -1.18 -5.32 -7.09
C VAL A 17 0.02 -5.34 -6.15
N ALA A 18 0.18 -6.44 -5.42
CA ALA A 18 1.36 -6.65 -4.58
C ALA A 18 1.74 -8.13 -4.66
N ALA A 19 3.04 -8.39 -4.72
CA ALA A 19 3.57 -9.74 -4.97
C ALA A 19 2.83 -10.82 -4.21
N HIS A 20 2.87 -10.72 -2.89
CA HIS A 20 2.33 -11.78 -2.03
C HIS A 20 0.82 -11.96 -2.23
N GLN A 21 0.15 -10.99 -2.84
CA GLN A 21 -1.29 -11.10 -3.01
C GLN A 21 -1.75 -11.81 -4.28
N LEU A 22 -0.85 -11.98 -5.25
CA LEU A 22 -1.23 -12.69 -6.47
C LEU A 22 -0.23 -13.73 -7.02
N GLU A 23 1.06 -13.57 -6.71
CA GLU A 23 2.09 -14.39 -7.35
C GLU A 23 1.91 -15.88 -7.17
N GLY A 24 1.72 -16.32 -5.93
CA GLY A 24 1.71 -17.75 -5.66
C GLY A 24 3.13 -18.25 -5.80
N GLY A 25 3.29 -19.52 -6.16
CA GLY A 25 4.63 -20.08 -6.26
C GLY A 25 5.50 -19.58 -5.13
N TRP A 26 4.93 -19.63 -3.93
CA TRP A 26 5.57 -19.08 -2.73
C TRP A 26 6.83 -19.86 -2.36
N GLN A 27 7.06 -20.99 -3.04
CA GLN A 27 8.26 -21.80 -2.79
C GLN A 27 9.16 -21.86 -4.00
N GLU A 28 8.63 -21.44 -5.15
CA GLU A 28 9.41 -21.51 -6.38
C GLU A 28 10.57 -20.52 -6.35
N GLY A 29 11.69 -20.93 -6.93
CA GLY A 29 12.88 -20.10 -6.99
C GLY A 29 13.68 -20.20 -5.70
N GLY A 30 13.12 -20.91 -4.73
CA GLY A 30 13.68 -20.97 -3.39
C GLY A 30 13.17 -19.80 -2.56
N LYS A 31 12.11 -19.15 -3.03
CA LYS A 31 11.50 -18.07 -2.29
C LYS A 31 11.44 -18.42 -0.81
N GLY A 32 12.04 -17.56 0.00
CA GLY A 32 11.95 -17.72 1.43
C GLY A 32 10.51 -17.53 1.86
N ILE A 33 10.20 -18.04 3.04
CA ILE A 33 8.87 -17.88 3.60
C ILE A 33 8.72 -16.46 4.20
N SER A 34 7.62 -15.79 3.89
CA SER A 34 7.40 -14.42 4.34
C SER A 34 6.23 -14.31 5.32
N VAL A 35 6.04 -13.10 5.85
CA VAL A 35 5.00 -12.85 6.82
C VAL A 35 3.60 -13.09 6.25
N ALA A 36 3.41 -12.71 4.98
CA ALA A 36 2.19 -13.08 4.29
C ALA A 36 1.98 -14.59 4.38
N ASP A 37 3.04 -15.35 4.10
CA ASP A 37 2.97 -16.81 4.06
C ASP A 37 2.54 -17.49 5.38
N VAL A 38 2.60 -16.79 6.51
CA VAL A 38 2.13 -17.36 7.78
C VAL A 38 0.83 -16.73 8.27
N MET A 39 0.10 -16.08 7.37
CA MET A 39 -1.19 -15.52 7.73
C MET A 39 -2.32 -16.35 7.10
N THR A 40 -3.20 -16.87 7.94
CA THR A 40 -4.26 -17.74 7.46
C THR A 40 -5.40 -16.88 6.96
N ALA A 41 -6.43 -17.51 6.41
CA ALA A 41 -7.54 -16.77 5.83
C ALA A 41 -8.56 -16.38 6.90
N GLY A 42 -9.46 -15.49 6.53
CA GLY A 42 -10.53 -15.05 7.40
C GLY A 42 -11.74 -14.61 6.60
N ARG A 43 -12.53 -13.74 7.21
CA ARG A 43 -13.71 -13.21 6.54
C ARG A 43 -14.03 -11.88 7.20
N HIS A 44 -15.01 -11.16 6.65
CA HIS A 44 -15.46 -9.92 7.27
C HIS A 44 -15.88 -10.21 8.71
N GLY A 45 -15.18 -9.60 9.66
CA GLY A 45 -15.45 -9.84 11.06
C GLY A 45 -14.45 -10.77 11.72
N VAL A 46 -14.14 -11.89 11.05
CA VAL A 46 -13.16 -12.85 11.56
C VAL A 46 -11.75 -12.49 11.11
N ALA A 47 -10.85 -12.35 12.08
CA ALA A 47 -9.48 -11.97 11.80
C ALA A 47 -8.64 -13.13 11.27
N ARG A 48 -7.62 -12.79 10.49
CA ARG A 48 -6.63 -13.75 10.05
C ARG A 48 -5.77 -14.17 11.23
N GLU A 49 -5.30 -15.42 11.21
CA GLU A 49 -4.43 -15.91 12.26
C GLU A 49 -2.96 -15.87 11.82
N ILE A 50 -2.16 -15.12 12.57
CA ILE A 50 -0.72 -15.13 12.37
C ILE A 50 -0.14 -16.29 13.18
N THR A 51 0.23 -17.36 12.48
CA THR A 51 0.68 -18.58 13.14
C THR A 51 2.19 -18.58 13.32
N ALA A 52 2.66 -19.22 14.38
CA ALA A 52 4.10 -19.31 14.65
C ALA A 52 4.75 -20.26 13.67
N GLY A 53 4.90 -19.82 12.43
CA GLY A 53 5.38 -20.69 11.37
C GLY A 53 4.22 -21.25 10.56
N VAL A 54 4.53 -22.11 9.61
CA VAL A 54 3.50 -22.73 8.76
C VAL A 54 2.97 -24.03 9.36
N LEU A 55 1.82 -23.92 10.01
CA LEU A 55 1.18 -25.05 10.68
C LEU A 55 0.33 -25.85 9.73
N GLU A 56 0.16 -27.13 10.04
CA GLU A 56 -0.74 -27.98 9.28
C GLU A 56 -2.17 -27.72 9.71
N GLY A 57 -3.12 -28.01 8.81
CA GLY A 57 -4.52 -27.78 9.08
C GLY A 57 -4.97 -26.36 8.79
N LYS A 58 -4.03 -25.42 8.78
CA LYS A 58 -4.38 -24.03 8.49
C LYS A 58 -4.33 -23.80 6.97
N TYR A 59 -5.11 -22.83 6.50
CA TYR A 59 -5.16 -22.50 5.08
C TYR A 59 -4.49 -21.16 4.82
N TYR A 60 -3.39 -21.19 4.07
CA TYR A 60 -2.67 -19.97 3.71
C TYR A 60 -2.89 -19.65 2.25
N PRO A 61 -3.75 -18.64 1.99
CA PRO A 61 -4.20 -18.30 0.65
C PRO A 61 -3.07 -17.71 -0.21
N ASN A 62 -2.14 -17.02 0.43
CA ASN A 62 -1.09 -16.34 -0.32
C ASN A 62 -0.11 -17.32 -0.97
N HIS A 63 -0.16 -18.57 -0.50
CA HIS A 63 0.71 -19.60 -1.04
C HIS A 63 0.48 -19.79 -2.52
N GLU A 64 -0.76 -20.02 -2.92
CA GLU A 64 -1.09 -20.15 -4.33
C GLU A 64 -1.62 -18.86 -4.93
N ALA A 65 -2.39 -18.12 -4.14
CA ALA A 65 -3.07 -16.92 -4.63
C ALA A 65 -3.70 -17.21 -5.99
N ILE A 66 -3.31 -16.46 -7.02
CA ILE A 66 -3.87 -16.71 -8.34
C ILE A 66 -2.79 -17.15 -9.35
N ASP A 67 -1.66 -17.61 -8.83
CA ASP A 67 -0.60 -18.21 -9.64
C ASP A 67 -0.05 -17.27 -10.71
N PHE A 68 -0.16 -15.97 -10.44
CA PHE A 68 0.39 -14.95 -11.33
C PHE A 68 1.84 -15.29 -11.72
N TYR A 69 2.53 -15.95 -10.81
CA TYR A 69 3.91 -16.36 -11.03
C TYR A 69 4.07 -17.16 -12.32
N HIS A 70 2.99 -17.80 -12.75
CA HIS A 70 3.07 -18.62 -13.96
C HIS A 70 2.30 -18.01 -15.11
N HIS A 71 1.28 -17.23 -14.79
CA HIS A 71 0.38 -16.72 -15.81
C HIS A 71 0.65 -15.28 -16.19
N TYR A 72 1.70 -14.70 -15.64
CA TYR A 72 2.00 -13.28 -15.85
C TYR A 72 2.02 -12.84 -17.32
N LYS A 73 2.49 -13.70 -18.22
CA LYS A 73 2.48 -13.37 -19.64
C LYS A 73 1.06 -13.14 -20.17
N GLU A 74 0.12 -13.96 -19.70
CA GLU A 74 -1.29 -13.78 -20.05
C GLU A 74 -1.88 -12.53 -19.40
N ASP A 75 -1.65 -12.39 -18.11
CA ASP A 75 -2.23 -11.28 -17.36
C ASP A 75 -1.75 -9.92 -17.87
N VAL A 76 -0.47 -9.83 -18.18
CA VAL A 76 0.09 -8.59 -18.70
C VAL A 76 -0.54 -8.25 -20.05
N LYS A 77 -0.72 -9.27 -20.89
CA LYS A 77 -1.41 -9.07 -22.13
C LYS A 77 -2.79 -8.45 -21.86
N LEU A 78 -3.54 -8.99 -20.92
CA LEU A 78 -4.80 -8.38 -20.49
C LEU A 78 -4.61 -6.90 -20.11
N PHE A 79 -3.62 -6.61 -19.27
CA PHE A 79 -3.37 -5.25 -18.87
C PHE A 79 -3.16 -4.32 -20.06
N ALA A 80 -2.29 -4.73 -20.98
CA ALA A 80 -1.99 -3.90 -22.14
C ALA A 80 -3.25 -3.70 -22.97
N GLU A 81 -4.14 -4.69 -22.90
CA GLU A 81 -5.37 -4.60 -23.68
C GLU A 81 -6.29 -3.51 -23.11
N MET A 82 -6.21 -3.26 -21.81
CA MET A 82 -6.94 -2.12 -21.27
C MET A 82 -6.20 -0.82 -21.60
N GLY A 83 -4.92 -0.96 -21.93
CA GLY A 83 -4.12 0.20 -22.32
C GLY A 83 -3.41 0.83 -21.12
N PHE A 84 -3.01 0.00 -20.17
CA PHE A 84 -2.20 0.50 -19.07
C PHE A 84 -1.00 1.27 -19.56
N LYS A 85 -0.74 2.41 -18.91
CA LYS A 85 0.48 3.15 -19.14
C LYS A 85 1.52 2.75 -18.07
N CYS A 86 1.00 2.17 -16.99
CA CYS A 86 1.86 1.70 -15.93
C CYS A 86 1.25 0.50 -15.22
N PHE A 87 2.10 -0.30 -14.61
CA PHE A 87 1.66 -1.40 -13.79
C PHE A 87 2.45 -1.39 -12.49
N ARG A 88 1.73 -1.36 -11.37
CA ARG A 88 2.36 -1.33 -10.06
C ARG A 88 2.28 -2.67 -9.35
N THR A 89 3.40 -3.05 -8.75
CA THR A 89 3.49 -4.24 -7.92
C THR A 89 4.70 -4.07 -7.00
N SER A 90 4.96 -5.06 -6.15
CA SER A 90 6.15 -5.03 -5.29
C SER A 90 7.12 -6.10 -5.70
N ILE A 91 8.40 -5.86 -5.47
CA ILE A 91 9.37 -6.95 -5.59
C ILE A 91 9.34 -7.76 -4.30
N ALA A 92 8.91 -9.02 -4.37
CA ALA A 92 8.84 -9.87 -3.19
C ALA A 92 10.22 -10.02 -2.51
N TRP A 93 10.39 -9.33 -1.39
CA TRP A 93 11.62 -9.33 -0.62
C TRP A 93 12.13 -10.75 -0.45
N THR A 94 11.19 -11.67 -0.29
CA THR A 94 11.51 -13.08 -0.05
C THR A 94 12.07 -13.78 -1.29
N ARG A 95 11.87 -13.21 -2.47
CA ARG A 95 12.45 -13.79 -3.69
C ARG A 95 13.89 -13.34 -3.95
N ILE A 96 14.35 -12.33 -3.21
CA ILE A 96 15.66 -11.72 -3.45
C ILE A 96 16.61 -12.04 -2.29
N PHE A 97 16.04 -12.02 -1.10
CA PHE A 97 16.75 -12.43 0.10
C PHE A 97 15.77 -13.24 0.92
N PRO A 98 15.69 -14.54 0.66
CA PRO A 98 14.71 -15.45 1.26
C PRO A 98 14.71 -15.40 2.81
N LYS A 99 15.89 -15.47 3.41
CA LYS A 99 16.01 -15.33 4.87
C LYS A 99 16.12 -13.86 5.28
N GLY A 100 16.88 -13.08 4.51
CA GLY A 100 17.02 -11.65 4.77
C GLY A 100 18.44 -11.21 5.07
N ASP A 101 19.18 -12.07 5.76
CA ASP A 101 20.52 -11.69 6.21
C ASP A 101 21.66 -12.09 5.27
N GLU A 102 21.34 -12.48 4.04
CA GLU A 102 22.35 -13.01 3.12
C GLU A 102 23.22 -11.93 2.49
N ALA A 103 24.47 -12.29 2.19
CA ALA A 103 25.41 -11.36 1.60
C ALA A 103 25.15 -11.25 0.11
N GLU A 104 24.47 -12.26 -0.42
CA GLU A 104 24.20 -12.33 -1.85
C GLU A 104 22.73 -12.48 -2.18
N PRO A 105 22.29 -11.73 -3.20
CA PRO A 105 20.89 -11.80 -3.61
C PRO A 105 20.66 -13.10 -4.37
N ASN A 106 19.39 -13.48 -4.49
CA ASN A 106 19.00 -14.70 -5.15
C ASN A 106 18.74 -14.44 -6.63
N GLU A 107 19.51 -15.09 -7.50
CA GLU A 107 19.41 -14.81 -8.94
C GLU A 107 18.09 -15.22 -9.56
N ALA A 108 17.53 -16.34 -9.12
CA ALA A 108 16.21 -16.78 -9.59
C ALA A 108 15.19 -15.69 -9.33
N GLY A 109 15.31 -15.04 -8.17
CA GLY A 109 14.36 -14.02 -7.78
C GLY A 109 14.50 -12.82 -8.68
N LEU A 110 15.74 -12.42 -8.96
CA LEU A 110 15.99 -11.22 -9.74
C LEU A 110 15.57 -11.37 -11.21
N GLN A 111 16.01 -12.47 -11.84
CA GLN A 111 15.69 -12.67 -13.24
C GLN A 111 14.18 -12.70 -13.40
N PHE A 112 13.49 -13.28 -12.41
CA PHE A 112 12.03 -13.30 -12.46
C PHE A 112 11.49 -11.89 -12.69
N TYR A 113 11.98 -10.93 -11.93
CA TYR A 113 11.47 -9.57 -12.08
C TYR A 113 12.00 -8.90 -13.33
N ASP A 114 13.23 -9.25 -13.73
CA ASP A 114 13.72 -8.88 -15.05
C ASP A 114 12.71 -9.28 -16.13
N ASP A 115 12.19 -10.51 -16.04
CA ASP A 115 11.20 -10.97 -16.99
C ASP A 115 9.85 -10.25 -16.86
N LEU A 116 9.47 -9.91 -15.64
CA LEU A 116 8.17 -9.28 -15.42
C LEU A 116 8.18 -7.85 -15.96
N PHE A 117 9.24 -7.13 -15.66
CA PHE A 117 9.37 -5.76 -16.14
C PHE A 117 9.52 -5.74 -17.68
N ASP A 118 10.31 -6.70 -18.18
CA ASP A 118 10.47 -6.89 -19.62
C ASP A 118 9.13 -7.09 -20.29
N GLU A 119 8.25 -7.88 -19.66
CA GLU A 119 6.95 -8.16 -20.22
C GLU A 119 6.13 -6.87 -20.31
N CYS A 120 6.15 -6.08 -19.25
CA CYS A 120 5.43 -4.81 -19.25
C CYS A 120 5.96 -3.91 -20.36
N LEU A 121 7.27 -3.76 -20.41
CA LEU A 121 7.88 -2.84 -21.33
C LEU A 121 7.63 -3.20 -22.81
N LYS A 122 7.53 -4.49 -23.13
CA LYS A 122 7.14 -4.93 -24.48
C LYS A 122 5.89 -4.19 -24.95
N TYR A 123 4.95 -4.00 -24.03
CA TYR A 123 3.64 -3.44 -24.34
C TYR A 123 3.55 -1.92 -24.09
N GLY A 124 4.67 -1.30 -23.73
CA GLY A 124 4.66 0.13 -23.50
C GLY A 124 4.20 0.47 -22.09
N ILE A 125 4.27 -0.51 -21.20
CA ILE A 125 3.82 -0.31 -19.83
C ILE A 125 5.01 -0.05 -18.92
N GLU A 126 4.90 0.97 -18.07
CA GLU A 126 5.97 1.36 -17.17
C GLU A 126 5.78 0.72 -15.82
N PRO A 127 6.77 -0.06 -15.39
CA PRO A 127 6.69 -0.66 -14.06
C PRO A 127 6.74 0.41 -12.96
N VAL A 128 5.89 0.25 -11.96
CA VAL A 128 5.96 1.03 -10.73
C VAL A 128 6.18 0.05 -9.59
N VAL A 129 7.29 0.22 -8.87
CA VAL A 129 7.70 -0.81 -7.92
C VAL A 129 7.72 -0.36 -6.46
N THR A 130 7.08 -1.16 -5.61
CA THR A 130 7.08 -0.93 -4.17
C THR A 130 8.03 -1.93 -3.53
N LEU A 131 9.04 -1.44 -2.82
CA LEU A 131 10.09 -2.32 -2.26
C LEU A 131 9.62 -3.22 -1.12
N SER A 132 8.76 -2.70 -0.26
CA SER A 132 8.22 -3.51 0.83
C SER A 132 6.73 -3.38 0.94
N HIS A 133 6.03 -4.49 0.70
CA HIS A 133 4.58 -4.48 0.75
C HIS A 133 4.06 -5.68 1.50
N PHE A 134 4.16 -5.62 2.83
CA PHE A 134 3.57 -6.61 3.72
C PHE A 134 4.10 -8.02 3.48
N GLU A 135 5.40 -8.13 3.17
CA GLU A 135 5.92 -9.42 2.77
C GLU A 135 7.42 -9.61 3.09
N LEU A 136 7.86 -9.13 4.24
CA LEU A 136 9.25 -9.37 4.64
C LEU A 136 9.51 -10.82 5.08
N PRO A 137 10.78 -11.24 5.00
CA PRO A 137 11.15 -12.60 5.39
C PRO A 137 10.70 -12.91 6.80
N TYR A 138 10.01 -14.02 7.00
CA TYR A 138 9.56 -14.41 8.32
C TYR A 138 10.76 -14.68 9.24
N HIS A 139 11.86 -15.14 8.63
CA HIS A 139 13.09 -15.36 9.37
C HIS A 139 13.51 -14.10 10.10
N LEU A 140 13.41 -12.97 9.41
CA LEU A 140 13.78 -11.69 10.02
C LEU A 140 12.93 -11.42 11.25
N VAL A 141 11.71 -11.94 11.28
CA VAL A 141 10.86 -11.74 12.44
C VAL A 141 11.32 -12.57 13.63
N THR A 142 11.62 -13.84 13.38
CA THR A 142 11.93 -14.77 14.46
C THR A 142 13.35 -14.61 14.96
N GLU A 143 14.27 -14.25 14.07
CA GLU A 143 15.67 -14.18 14.45
C GLU A 143 16.13 -12.78 14.87
N TYR A 144 15.42 -11.75 14.43
CA TYR A 144 15.81 -10.38 14.76
C TYR A 144 14.70 -9.58 15.42
N GLY A 145 13.47 -10.08 15.33
CA GLY A 145 12.32 -9.38 15.87
C GLY A 145 11.74 -8.36 14.92
N GLY A 146 12.06 -8.49 13.64
CA GLY A 146 11.54 -7.60 12.62
C GLY A 146 12.20 -6.25 12.68
N PHE A 147 11.43 -5.20 12.49
CA PHE A 147 12.00 -3.85 12.45
C PHE A 147 12.14 -3.21 13.82
N THR A 148 12.17 -4.04 14.87
CA THR A 148 12.43 -3.52 16.20
C THR A 148 13.92 -3.67 16.44
N ASN A 149 14.59 -4.28 15.46
CA ASN A 149 16.04 -4.40 15.52
C ASN A 149 16.69 -3.47 14.51
N ARG A 150 17.62 -2.66 14.99
CA ARG A 150 18.33 -1.69 14.14
C ARG A 150 19.12 -2.40 13.04
N LYS A 151 19.45 -3.66 13.25
CA LYS A 151 20.16 -4.46 12.25
C LYS A 151 19.35 -4.54 10.97
N VAL A 152 18.04 -4.71 11.11
CA VAL A 152 17.17 -4.91 9.97
C VAL A 152 17.20 -3.75 8.98
N ILE A 153 17.63 -2.57 9.43
CA ILE A 153 17.78 -1.46 8.50
C ILE A 153 18.72 -1.83 7.37
N ASP A 154 19.95 -2.19 7.72
CA ASP A 154 20.94 -2.55 6.72
C ASP A 154 20.39 -3.62 5.79
N PHE A 155 19.70 -4.59 6.36
CA PHE A 155 19.13 -5.68 5.57
C PHE A 155 18.24 -5.11 4.48
N PHE A 156 17.40 -4.14 4.84
CA PHE A 156 16.49 -3.53 3.88
C PHE A 156 17.26 -2.72 2.86
N VAL A 157 18.17 -1.87 3.34
CA VAL A 157 18.97 -1.07 2.43
C VAL A 157 19.74 -1.96 1.45
N HIS A 158 20.28 -3.08 1.95
CA HIS A 158 20.96 -4.06 1.11
C HIS A 158 20.05 -4.51 -0.05
N PHE A 159 18.85 -4.93 0.32
CA PHE A 159 17.81 -5.33 -0.60
C PHE A 159 17.44 -4.22 -1.57
N ALA A 160 17.34 -2.98 -1.07
CA ALA A 160 16.96 -1.87 -1.93
C ALA A 160 18.02 -1.50 -2.97
N GLU A 161 19.29 -1.62 -2.60
CA GLU A 161 20.35 -1.24 -3.52
C GLU A 161 20.47 -2.27 -4.61
N VAL A 162 20.31 -3.53 -4.23
CA VAL A 162 20.34 -4.60 -5.21
C VAL A 162 19.29 -4.32 -6.29
N CYS A 163 18.05 -4.13 -5.86
CA CYS A 163 16.96 -3.87 -6.78
C CYS A 163 17.25 -2.64 -7.63
N PHE A 164 17.48 -1.49 -6.99
CA PHE A 164 17.92 -0.30 -7.70
C PHE A 164 18.97 -0.57 -8.80
N ARG A 165 20.04 -1.28 -8.46
CA ARG A 165 21.13 -1.46 -9.41
C ARG A 165 20.69 -2.37 -10.55
N ARG A 166 19.94 -3.42 -10.22
CA ARG A 166 19.45 -4.35 -11.22
C ARG A 166 18.47 -3.71 -12.21
N TYR A 167 17.57 -2.87 -11.69
CA TYR A 167 16.47 -2.38 -12.51
C TYR A 167 16.58 -0.90 -12.86
N LYS A 168 17.80 -0.40 -12.80
CA LYS A 168 18.06 1.03 -12.94
C LYS A 168 17.61 1.60 -14.26
N ASP A 169 17.60 0.76 -15.30
CA ASP A 169 17.29 1.21 -16.65
C ASP A 169 15.89 0.77 -17.08
N LYS A 170 15.14 0.16 -16.16
CA LYS A 170 13.87 -0.47 -16.47
C LYS A 170 12.67 0.15 -15.77
N VAL A 171 12.83 0.34 -14.46
CA VAL A 171 11.80 0.85 -13.58
C VAL A 171 12.09 2.31 -13.24
N LYS A 172 11.15 3.18 -13.58
CA LYS A 172 11.37 4.61 -13.35
C LYS A 172 10.79 5.06 -12.01
N TYR A 173 9.78 4.35 -11.51
CA TYR A 173 9.01 4.82 -10.38
C TYR A 173 9.10 3.82 -9.26
N TRP A 174 9.58 4.31 -8.12
CA TRP A 174 9.75 3.47 -6.96
C TRP A 174 9.11 4.08 -5.73
N MET A 175 8.72 3.21 -4.81
CA MET A 175 8.33 3.58 -3.44
C MET A 175 8.98 2.60 -2.45
N THR A 176 9.30 3.08 -1.26
CA THR A 176 9.99 2.24 -0.27
C THR A 176 9.07 1.35 0.58
N PHE A 177 8.25 1.96 1.44
CA PHE A 177 7.45 1.19 2.39
C PHE A 177 5.96 1.39 2.22
N ASN A 178 5.27 0.35 1.76
CA ASN A 178 3.83 0.48 1.54
C ASN A 178 3.09 0.91 2.79
N GLU A 179 2.24 1.92 2.65
CA GLU A 179 1.35 2.36 3.72
C GLU A 179 2.01 2.35 5.08
N ILE A 180 3.20 2.93 5.13
CA ILE A 180 4.07 2.86 6.29
C ILE A 180 3.32 3.31 7.55
N ASN A 181 2.36 4.20 7.38
CA ASN A 181 1.60 4.77 8.49
C ASN A 181 0.42 3.92 8.97
N ASN A 182 0.20 2.76 8.36
CA ASN A 182 -0.89 1.92 8.83
C ASN A 182 -0.74 1.62 10.31
N GLN A 183 0.52 1.47 10.73
CA GLN A 183 0.83 1.07 12.08
C GLN A 183 0.55 2.15 13.14
N ALA A 184 0.06 3.30 12.71
CA ALA A 184 -0.48 4.26 13.66
C ALA A 184 -1.57 3.56 14.51
N ASN A 185 -2.26 2.60 13.91
CA ASN A 185 -3.09 1.67 14.67
C ASN A 185 -2.21 0.53 15.17
N TYR A 186 -1.81 0.63 16.43
CA TYR A 186 -0.95 -0.37 17.07
C TYR A 186 -1.79 -1.24 18.01
N GLN A 187 -3.08 -0.92 18.10
CA GLN A 187 -3.99 -1.70 18.93
C GLN A 187 -4.12 -3.13 18.42
N GLU A 188 -4.63 -3.29 17.20
CA GLU A 188 -4.75 -4.60 16.58
C GLU A 188 -3.35 -5.06 16.13
N ASP A 189 -3.20 -6.31 15.69
CA ASP A 189 -1.87 -6.86 15.38
C ASP A 189 -1.45 -6.66 13.91
N PHE A 190 -2.44 -6.48 13.04
CA PHE A 190 -2.24 -6.47 11.59
C PHE A 190 -1.15 -5.53 11.06
N ALA A 191 -1.37 -4.25 11.24
CA ALA A 191 -0.40 -3.26 10.79
C ALA A 191 1.01 -3.49 11.37
N PRO A 192 1.11 -3.64 12.70
CA PRO A 192 2.46 -3.87 13.26
C PRO A 192 3.12 -5.10 12.66
N PHE A 193 2.36 -6.17 12.44
CA PHE A 193 2.91 -7.35 11.81
C PHE A 193 3.27 -7.15 10.33
N THR A 194 2.42 -6.48 9.56
CA THR A 194 2.64 -6.36 8.10
C THR A 194 3.52 -5.20 7.67
N ASN A 195 3.46 -4.07 8.38
CA ASN A 195 4.39 -2.98 8.11
C ASN A 195 5.79 -3.33 8.57
N SER A 196 5.89 -3.92 9.77
CA SER A 196 7.15 -3.92 10.52
C SER A 196 7.60 -5.26 11.08
N GLY A 197 6.85 -6.32 10.83
CA GLY A 197 7.19 -7.62 11.36
C GLY A 197 7.23 -7.66 12.88
N ILE A 198 6.24 -7.05 13.51
CA ILE A 198 6.15 -7.05 14.97
C ILE A 198 5.17 -8.09 15.49
N VAL A 199 5.71 -9.10 16.16
CA VAL A 199 4.89 -9.99 16.97
C VAL A 199 4.88 -9.47 18.40
N TYR A 200 3.72 -9.01 18.87
CA TYR A 200 3.62 -8.51 20.23
C TYR A 200 3.52 -9.67 21.21
N LYS A 201 4.24 -9.55 22.32
CA LYS A 201 4.13 -10.51 23.40
C LYS A 201 3.32 -9.86 24.51
N GLU A 202 2.67 -10.68 25.32
CA GLU A 202 1.75 -10.15 26.33
C GLU A 202 2.44 -9.20 27.32
N GLY A 203 1.81 -8.04 27.53
CA GLY A 203 2.34 -7.04 28.44
C GLY A 203 3.10 -5.90 27.78
N ASP A 204 3.41 -6.04 26.49
CA ASP A 204 4.25 -5.10 25.75
C ASP A 204 3.64 -3.71 25.69
N ASP A 205 4.51 -2.69 25.64
CA ASP A 205 4.06 -1.34 25.35
C ASP A 205 3.90 -1.19 23.85
N ARG A 206 2.72 -1.54 23.34
CA ARG A 206 2.50 -1.69 21.91
C ARG A 206 2.82 -0.43 21.14
N GLU A 207 2.23 0.68 21.57
CA GLU A 207 2.49 1.98 20.98
C GLU A 207 3.98 2.21 20.86
N ALA A 208 4.68 2.09 21.98
CA ALA A 208 6.10 2.41 22.04
C ALA A 208 6.93 1.54 21.10
N ILE A 209 6.66 0.25 21.10
CA ILE A 209 7.38 -0.66 20.22
C ILE A 209 7.19 -0.27 18.76
N MET A 210 6.05 0.31 18.42
CA MET A 210 5.80 0.66 17.03
C MET A 210 6.43 1.98 16.59
N TYR A 211 6.55 2.94 17.51
CA TYR A 211 7.22 4.19 17.14
C TYR A 211 8.67 3.92 16.77
N GLN A 212 9.30 3.04 17.52
CA GLN A 212 10.70 2.68 17.31
C GLN A 212 10.89 1.96 15.97
N ALA A 213 9.97 1.05 15.64
CA ALA A 213 10.05 0.32 14.38
C ALA A 213 9.84 1.27 13.19
N ALA A 214 8.84 2.13 13.32
CA ALA A 214 8.57 3.16 12.32
C ALA A 214 9.78 4.05 12.11
N HIS A 215 10.45 4.41 13.19
CA HIS A 215 11.65 5.22 13.09
C HIS A 215 12.74 4.51 12.30
N TYR A 216 12.94 3.25 12.59
CA TYR A 216 13.93 2.49 11.88
C TYR A 216 13.60 2.47 10.38
N GLU A 217 12.33 2.28 10.07
CA GLU A 217 11.91 2.18 8.67
C GLU A 217 12.05 3.53 7.96
N LEU A 218 11.73 4.59 8.69
CA LEU A 218 11.86 5.94 8.15
C LEU A 218 13.32 6.19 7.77
N VAL A 219 14.23 5.88 8.69
CA VAL A 219 15.66 5.94 8.40
C VAL A 219 16.06 5.02 7.24
N ALA A 220 15.47 3.83 7.20
CA ALA A 220 15.81 2.88 6.15
C ALA A 220 15.35 3.44 4.80
N SER A 221 14.12 3.94 4.77
CA SER A 221 13.60 4.58 3.58
C SER A 221 14.53 5.70 3.10
N ALA A 222 15.00 6.52 4.03
CA ALA A 222 15.83 7.67 3.71
C ALA A 222 17.20 7.25 3.17
N ARG A 223 17.74 6.17 3.72
CA ARG A 223 19.03 5.67 3.27
C ARG A 223 18.91 5.13 1.85
N ALA A 224 17.82 4.40 1.59
CA ALA A 224 17.56 3.85 0.26
C ALA A 224 17.39 4.96 -0.79
N VAL A 225 16.60 5.97 -0.46
CA VAL A 225 16.40 7.10 -1.36
C VAL A 225 17.73 7.69 -1.85
N LYS A 226 18.64 7.94 -0.91
CA LYS A 226 19.96 8.48 -1.19
C LYS A 226 20.78 7.50 -2.04
N ILE A 227 20.66 6.20 -1.73
CA ILE A 227 21.45 5.21 -2.43
C ILE A 227 20.96 5.14 -3.87
N GLY A 228 19.63 5.11 -4.02
CA GLY A 228 19.00 4.97 -5.32
C GLY A 228 19.32 6.12 -6.26
N HIS A 229 19.47 7.31 -5.71
CA HIS A 229 19.80 8.46 -6.54
C HIS A 229 21.24 8.43 -7.01
N ALA A 230 22.13 7.94 -6.14
CA ALA A 230 23.54 7.80 -6.48
C ALA A 230 23.74 6.78 -7.60
N ILE A 231 22.84 5.80 -7.65
CA ILE A 231 22.87 4.75 -8.66
C ILE A 231 22.30 5.23 -10.01
N ASN A 232 21.20 5.98 -9.94
CA ASN A 232 20.61 6.65 -11.10
C ASN A 232 19.84 7.89 -10.64
N PRO A 233 20.36 9.08 -10.92
CA PRO A 233 19.76 10.31 -10.40
C PRO A 233 18.38 10.60 -11.00
N ASN A 234 17.94 9.79 -11.96
CA ASN A 234 16.68 10.03 -12.63
C ASN A 234 15.55 9.28 -11.95
N LEU A 235 15.92 8.29 -11.15
CA LEU A 235 14.92 7.51 -10.45
C LEU A 235 14.01 8.42 -9.62
N ASN A 236 12.71 8.20 -9.76
CA ASN A 236 11.71 8.83 -8.93
C ASN A 236 11.40 7.89 -7.78
N ILE A 237 11.80 8.31 -6.60
CA ILE A 237 11.61 7.48 -5.42
C ILE A 237 10.71 8.24 -4.46
N GLY A 238 9.49 7.74 -4.27
CA GLY A 238 8.55 8.39 -3.40
C GLY A 238 8.23 7.57 -2.15
N CYS A 239 7.58 8.19 -1.19
CA CYS A 239 7.10 7.45 -0.05
C CYS A 239 5.74 6.88 -0.42
N MET A 240 5.12 6.17 0.51
CA MET A 240 3.77 5.66 0.32
C MET A 240 2.98 5.66 1.64
N VAL A 241 1.90 6.42 1.66
CA VAL A 241 1.09 6.51 2.87
C VAL A 241 -0.35 6.15 2.56
N ALA A 242 -0.99 5.45 3.50
CA ALA A 242 -2.42 5.22 3.43
C ALA A 242 -3.11 6.52 3.82
N MET A 243 -3.96 7.04 2.94
CA MET A 243 -4.62 8.30 3.23
C MET A 243 -6.12 8.15 3.51
N CYS A 244 -6.46 8.07 4.78
CA CYS A 244 -7.86 8.07 5.22
C CYS A 244 -8.06 9.40 5.90
N PRO A 245 -8.66 10.38 5.20
CA PRO A 245 -8.85 11.71 5.78
C PRO A 245 -9.69 11.57 7.05
N ILE A 246 -9.47 12.44 8.03
CA ILE A 246 -10.18 12.30 9.30
C ILE A 246 -10.98 13.56 9.59
N TYR A 247 -12.29 13.43 9.44
CA TYR A 247 -13.20 14.54 9.61
C TYR A 247 -13.64 14.69 11.04
N PRO A 248 -13.78 15.95 11.48
CA PRO A 248 -14.46 16.25 12.75
C PRO A 248 -15.94 15.96 12.57
N ALA A 249 -16.58 15.31 13.54
CA ALA A 249 -17.99 14.96 13.44
C ALA A 249 -18.81 16.22 13.28
N THR A 250 -18.47 17.23 14.08
CA THR A 250 -19.20 18.48 14.09
C THR A 250 -18.20 19.62 14.25
N CYS A 251 -18.73 20.84 14.30
CA CYS A 251 -17.92 22.05 14.51
C CYS A 251 -17.66 22.33 16.00
N ASN A 252 -18.01 21.38 16.87
CA ASN A 252 -17.58 21.45 18.25
C ASN A 252 -16.05 21.49 18.28
N PRO A 253 -15.48 22.55 18.90
CA PRO A 253 -14.03 22.73 18.91
C PRO A 253 -13.26 21.51 19.37
N LYS A 254 -13.90 20.68 20.19
CA LYS A 254 -13.24 19.50 20.73
C LYS A 254 -13.03 18.49 19.64
N ASP A 255 -14.06 18.33 18.80
CA ASP A 255 -13.98 17.46 17.64
C ASP A 255 -12.88 17.98 16.69
N ILE A 256 -12.87 19.28 16.45
CA ILE A 256 -11.87 19.88 15.60
C ILE A 256 -10.47 19.46 16.07
N LEU A 257 -10.21 19.67 17.35
CA LEU A 257 -8.91 19.32 17.91
C LEU A 257 -8.61 17.82 17.86
N MET A 258 -9.64 17.00 18.04
CA MET A 258 -9.48 15.56 17.89
C MET A 258 -8.97 15.25 16.50
N ALA A 259 -9.64 15.80 15.49
CA ALA A 259 -9.33 15.49 14.10
C ALA A 259 -7.92 15.94 13.72
N GLN A 260 -7.57 17.15 14.13
CA GLN A 260 -6.25 17.72 13.86
C GLN A 260 -5.17 16.89 14.53
N LYS A 261 -5.41 16.51 15.78
CA LYS A 261 -4.45 15.70 16.51
C LYS A 261 -4.32 14.32 15.91
N ALA A 262 -5.42 13.79 15.42
CA ALA A 262 -5.37 12.46 14.80
C ALA A 262 -4.66 12.52 13.45
N MET A 263 -4.92 13.56 12.67
CA MET A 263 -4.18 13.74 11.44
C MET A 263 -2.68 13.84 11.72
N GLN A 264 -2.30 14.49 12.82
CA GLN A 264 -0.88 14.60 13.08
C GLN A 264 -0.25 13.24 13.41
N LYS A 265 -0.98 12.41 14.13
CA LYS A 265 -0.44 11.13 14.55
C LYS A 265 -0.47 10.15 13.41
N ARG A 266 -1.39 10.36 12.47
CA ARG A 266 -1.54 9.41 11.38
C ARG A 266 -0.63 9.74 10.19
N TYR A 267 -0.17 10.98 10.13
CA TYR A 267 0.60 11.42 8.97
C TYR A 267 1.94 12.08 9.29
N TYR A 268 2.40 11.94 10.53
CA TYR A 268 3.73 12.44 10.86
C TYR A 268 4.77 11.72 9.98
N PHE A 269 4.47 10.47 9.63
CA PHE A 269 5.32 9.70 8.72
C PHE A 269 5.58 10.46 7.44
N ALA A 270 4.57 11.18 6.95
CA ALA A 270 4.71 11.91 5.71
C ALA A 270 5.61 13.12 5.93
N ASP A 271 5.43 13.77 7.07
CA ASP A 271 6.29 14.88 7.45
C ASP A 271 7.76 14.46 7.44
N VAL A 272 8.04 13.26 7.93
CA VAL A 272 9.44 12.83 8.02
C VAL A 272 10.00 12.50 6.63
N HIS A 273 9.25 11.73 5.85
CA HIS A 273 9.55 11.46 4.43
C HIS A 273 9.78 12.71 3.60
N VAL A 274 8.94 13.71 3.80
CA VAL A 274 8.96 14.93 2.99
C VAL A 274 9.87 16.03 3.51
N HIS A 275 9.73 16.40 4.78
CA HIS A 275 10.54 17.49 5.33
C HIS A 275 11.91 17.05 5.86
N GLY A 276 12.02 15.77 6.19
CA GLY A 276 13.29 15.21 6.62
C GLY A 276 13.54 15.33 8.11
N PHE A 277 12.53 15.76 8.86
CA PHE A 277 12.60 15.81 10.33
C PHE A 277 11.25 15.53 10.98
N TYR A 278 11.28 15.18 12.26
CA TYR A 278 10.06 14.86 12.97
C TYR A 278 9.38 16.14 13.39
N PRO A 279 8.05 16.16 13.35
CA PRO A 279 7.36 17.33 13.91
C PRO A 279 7.55 17.34 15.42
N GLU A 280 7.64 18.51 16.04
CA GLU A 280 7.87 18.60 17.47
C GLU A 280 6.80 17.88 18.32
N HIS A 281 5.54 17.94 17.89
CA HIS A 281 4.44 17.34 18.63
C HIS A 281 4.63 15.84 18.84
N ILE A 282 5.45 15.21 18.01
CA ILE A 282 5.80 13.82 18.24
C ILE A 282 6.80 13.68 19.40
N PHE A 283 7.83 14.51 19.42
CA PHE A 283 8.81 14.51 20.53
C PHE A 283 8.13 14.81 21.86
N LYS A 284 7.29 15.83 21.88
CA LYS A 284 6.55 16.19 23.07
C LYS A 284 5.76 14.99 23.58
N TYR A 285 5.12 14.30 22.66
CA TYR A 285 4.27 13.18 22.98
C TYR A 285 5.08 12.01 23.55
N TRP A 286 6.20 11.69 22.89
CA TRP A 286 7.08 10.66 23.40
C TRP A 286 7.50 10.98 24.85
N GLU A 287 7.77 12.26 25.14
CA GLU A 287 8.09 12.65 26.50
C GLU A 287 6.97 12.29 27.46
N ARG A 288 5.79 12.83 27.20
CA ARG A 288 4.64 12.64 28.06
C ARG A 288 4.43 11.16 28.37
N LYS A 289 4.65 10.31 27.39
CA LYS A 289 4.40 8.88 27.55
C LYS A 289 5.68 8.10 27.87
N ALA A 290 6.76 8.83 28.13
CA ALA A 290 8.06 8.23 28.42
C ALA A 290 8.43 7.15 27.40
N ILE A 291 8.08 7.41 26.15
CA ILE A 291 8.53 6.59 25.05
C ILE A 291 9.98 6.92 24.71
N LYS A 292 10.85 5.93 24.82
CA LYS A 292 12.25 6.09 24.50
C LYS A 292 12.55 5.52 23.10
N VAL A 293 13.17 6.34 22.27
CA VAL A 293 13.48 5.88 20.92
C VAL A 293 14.97 5.92 20.71
N ASP A 294 15.52 4.84 20.18
CA ASP A 294 16.92 4.82 19.82
C ASP A 294 17.05 5.60 18.52
N PHE A 295 17.61 6.80 18.63
CA PHE A 295 17.58 7.80 17.59
C PHE A 295 18.93 8.53 17.64
N THR A 296 19.85 8.14 16.76
CA THR A 296 21.19 8.70 16.77
C THR A 296 21.34 9.98 15.97
N GLU A 297 22.45 10.68 16.17
CA GLU A 297 22.73 11.87 15.40
C GLU A 297 22.76 11.48 13.93
N ARG A 298 23.20 10.26 13.67
CA ARG A 298 23.35 9.78 12.31
C ARG A 298 21.98 9.60 11.66
N ASP A 299 21.01 9.11 12.43
CA ASP A 299 19.65 9.00 11.92
C ASP A 299 19.21 10.35 11.41
N LYS A 300 19.27 11.35 12.29
CA LYS A 300 18.89 12.72 11.97
C LYS A 300 19.47 13.15 10.63
N LYS A 301 20.77 12.91 10.43
CA LYS A 301 21.42 13.27 9.18
C LYS A 301 20.85 12.51 7.97
N ASP A 302 20.59 11.21 8.15
CA ASP A 302 20.04 10.39 7.09
C ASP A 302 18.67 10.87 6.66
N LEU A 303 17.80 11.12 7.63
CA LEU A 303 16.43 11.50 7.33
C LEU A 303 16.41 12.79 6.53
N PHE A 304 17.12 13.78 7.04
CA PHE A 304 17.20 15.09 6.40
C PHE A 304 17.77 15.00 4.99
N GLU A 305 18.50 13.92 4.74
CA GLU A 305 19.22 13.73 3.48
C GLU A 305 18.51 12.78 2.53
N GLY A 306 17.41 12.20 2.96
CA GLY A 306 16.77 11.13 2.19
C GLY A 306 15.30 11.38 1.98
N THR A 307 14.91 12.64 1.88
CA THR A 307 13.51 12.99 1.61
C THR A 307 13.08 12.54 0.21
N VAL A 308 11.78 12.38 0.02
CA VAL A 308 11.27 11.68 -1.15
C VAL A 308 11.02 12.58 -2.37
N ASP A 309 10.86 11.99 -3.55
CA ASP A 309 10.62 12.75 -4.78
C ASP A 309 9.15 13.11 -4.96
N TYR A 310 8.27 12.25 -4.42
CA TYR A 310 6.84 12.38 -4.58
C TYR A 310 6.12 11.56 -3.51
N ILE A 311 4.84 11.82 -3.33
CA ILE A 311 4.08 11.07 -2.36
C ILE A 311 3.11 10.15 -3.08
N GLY A 312 3.39 8.85 -3.01
CA GLY A 312 2.42 7.85 -3.44
C GLY A 312 1.46 7.66 -2.29
N PHE A 313 0.22 7.32 -2.58
CA PHE A 313 -0.71 7.04 -1.50
C PHE A 313 -1.89 6.22 -1.95
N SER A 314 -2.51 5.53 -1.01
CA SER A 314 -3.74 4.83 -1.31
C SER A 314 -4.89 5.69 -0.80
N TYR A 315 -6.04 5.54 -1.43
CA TYR A 315 -7.27 6.13 -0.92
C TYR A 315 -8.43 5.16 -1.14
N TYR A 316 -9.15 4.83 -0.08
CA TYR A 316 -10.35 4.01 -0.22
C TYR A 316 -11.52 4.66 0.50
N MET A 317 -11.24 5.44 1.52
CA MET A 317 -12.29 5.93 2.38
C MET A 317 -11.86 7.08 3.27
N SER A 318 -12.83 7.64 3.96
CA SER A 318 -12.56 8.64 4.99
C SER A 318 -13.17 8.19 6.30
N PHE A 319 -12.75 8.86 7.36
CA PHE A 319 -13.14 8.55 8.72
C PHE A 319 -13.81 9.76 9.33
N VAL A 320 -14.54 9.53 10.42
CA VAL A 320 -15.00 10.61 11.24
C VAL A 320 -14.53 10.36 12.67
N ILE A 321 -14.31 11.44 13.42
CA ILE A 321 -13.83 11.37 14.79
C ILE A 321 -14.57 12.37 15.65
N ASP A 322 -14.71 12.05 16.92
CA ASP A 322 -15.25 13.00 17.88
C ASP A 322 -14.56 12.86 19.24
N ALA A 323 -14.99 13.68 20.19
CA ALA A 323 -14.34 13.74 21.51
C ALA A 323 -15.10 12.94 22.56
N HIS A 324 -15.89 11.97 22.11
CA HIS A 324 -16.78 11.27 23.02
C HIS A 324 -16.06 10.53 24.15
N ARG A 325 -14.97 9.83 23.82
CA ARG A 325 -14.24 9.02 24.80
C ARG A 325 -13.73 9.80 26.03
N GLU A 326 -14.05 9.27 27.20
CA GLU A 326 -13.68 9.90 28.46
C GLU A 326 -12.20 9.74 28.82
N ASN A 327 -11.74 10.54 29.78
CA ASN A 327 -10.39 10.47 30.29
C ASN A 327 -9.34 10.70 29.22
N ASN A 328 -9.62 11.64 28.32
CA ASN A 328 -8.72 11.86 27.20
C ASN A 328 -8.38 13.34 26.97
N PRO A 329 -7.92 14.02 28.02
CA PRO A 329 -7.64 15.47 28.06
C PRO A 329 -6.42 15.88 27.24
N TYR A 330 -5.60 14.91 26.83
CA TYR A 330 -4.47 15.21 25.95
C TYR A 330 -4.82 15.03 24.49
N TYR A 331 -6.06 14.63 24.23
CA TYR A 331 -6.54 14.36 22.87
C TYR A 331 -5.69 13.33 22.16
N ASP A 332 -5.40 12.23 22.84
CA ASP A 332 -4.72 11.10 22.23
C ASP A 332 -5.64 10.53 21.19
N TYR A 333 -5.07 9.84 20.21
CA TYR A 333 -5.86 9.25 19.13
C TYR A 333 -5.84 7.74 19.17
N LEU A 334 -7.00 7.14 19.41
CA LEU A 334 -7.12 5.69 19.31
C LEU A 334 -8.03 5.35 18.14
N GLU A 335 -7.40 4.90 17.05
CA GLU A 335 -8.10 4.53 15.83
C GLU A 335 -9.16 3.43 16.03
N THR A 336 -8.99 2.59 17.04
CA THR A 336 -9.98 1.57 17.34
C THR A 336 -11.13 2.07 18.22
N GLU A 337 -11.03 3.30 18.71
CA GLU A 337 -11.99 3.78 19.71
C GLU A 337 -12.63 5.15 19.44
N ASP A 338 -11.86 6.06 18.84
CA ASP A 338 -12.30 7.44 18.73
C ASP A 338 -13.15 7.72 17.49
N LEU A 339 -13.09 6.81 16.52
CA LEU A 339 -13.80 7.00 15.25
C LEU A 339 -15.28 6.67 15.31
N VAL A 340 -16.06 7.39 14.50
CA VAL A 340 -17.50 7.19 14.41
C VAL A 340 -17.94 7.10 12.92
N LYS A 341 -19.15 6.63 12.69
CA LYS A 341 -19.66 6.49 11.32
C LYS A 341 -20.05 7.84 10.70
N ASN A 342 -19.77 8.03 9.42
CA ASN A 342 -20.19 9.24 8.72
C ASN A 342 -21.61 9.06 8.25
N PRO A 343 -22.55 9.85 8.78
CA PRO A 343 -23.96 9.64 8.46
C PRO A 343 -24.31 10.00 7.02
N TYR A 344 -23.49 10.80 6.35
CA TYR A 344 -23.83 11.34 5.04
C TYR A 344 -23.34 10.48 3.88
N VAL A 345 -22.78 9.30 4.17
CA VAL A 345 -22.26 8.46 3.10
C VAL A 345 -22.64 6.99 3.16
N LYS A 346 -22.67 6.35 2.00
CA LYS A 346 -22.90 4.92 1.89
C LYS A 346 -21.61 4.16 2.18
N ALA A 347 -21.67 2.83 2.17
CA ALA A 347 -20.50 2.02 2.48
C ALA A 347 -20.55 0.65 1.82
N SER A 348 -19.38 0.05 1.63
CA SER A 348 -19.30 -1.29 1.05
C SER A 348 -19.77 -2.34 2.05
N ASP A 349 -19.91 -3.58 1.59
CA ASP A 349 -20.29 -4.67 2.48
C ASP A 349 -19.20 -5.07 3.48
N TRP A 350 -18.03 -4.45 3.36
CA TRP A 350 -16.99 -4.61 4.37
C TRP A 350 -16.95 -3.35 5.24
N ASP A 351 -18.00 -2.53 5.08
CA ASP A 351 -18.20 -1.34 5.92
C ASP A 351 -17.23 -0.22 5.59
N TRP A 352 -16.52 -0.35 4.47
CA TRP A 352 -15.63 0.72 4.03
C TRP A 352 -16.47 1.85 3.45
N GLN A 353 -16.35 3.04 4.02
CA GLN A 353 -17.19 4.15 3.60
C GLN A 353 -16.83 4.70 2.21
N ILE A 354 -17.86 4.99 1.44
CA ILE A 354 -17.69 5.52 0.09
C ILE A 354 -17.76 7.03 0.11
N ASP A 355 -16.62 7.66 -0.17
CA ASP A 355 -16.52 9.10 -0.13
C ASP A 355 -15.50 9.59 -1.16
N PRO A 356 -15.94 9.73 -2.40
CA PRO A 356 -15.11 10.22 -3.50
C PRO A 356 -14.52 11.59 -3.18
N GLN A 357 -15.32 12.44 -2.55
CA GLN A 357 -14.95 13.83 -2.38
C GLN A 357 -13.72 13.91 -1.51
N GLY A 358 -13.61 12.94 -0.62
CA GLY A 358 -12.46 12.80 0.26
C GLY A 358 -11.17 12.69 -0.52
N LEU A 359 -11.21 12.05 -1.69
CA LEU A 359 -10.00 11.93 -2.47
C LEU A 359 -9.53 13.33 -2.90
N ARG A 360 -10.49 14.21 -3.19
CA ARG A 360 -10.15 15.57 -3.57
C ARG A 360 -9.55 16.29 -2.37
N TYR A 361 -10.20 16.13 -1.23
CA TYR A 361 -9.71 16.65 0.00
C TYR A 361 -8.27 16.15 0.21
N ALA A 362 -8.08 14.84 0.16
CA ALA A 362 -6.74 14.27 0.32
C ALA A 362 -5.72 14.97 -0.56
N LEU A 363 -6.02 15.06 -1.84
CA LEU A 363 -5.10 15.66 -2.82
C LEU A 363 -4.76 17.11 -2.50
N ASN A 364 -5.75 17.87 -2.04
CA ASN A 364 -5.49 19.26 -1.67
C ASN A 364 -4.66 19.32 -0.42
N TRP A 365 -5.00 18.46 0.53
CA TRP A 365 -4.23 18.35 1.76
C TRP A 365 -2.74 18.18 1.49
N PHE A 366 -2.37 17.09 0.83
CA PHE A 366 -0.96 16.84 0.52
C PHE A 366 -0.32 18.03 -0.18
N THR A 367 -1.06 18.63 -1.10
CA THR A 367 -0.49 19.72 -1.88
C THR A 367 -0.15 20.92 -0.98
N ASP A 368 -1.12 21.29 -0.17
CA ASP A 368 -0.98 22.44 0.71
C ASP A 368 0.10 22.21 1.76
N MET A 369 0.19 20.97 2.24
CA MET A 369 1.14 20.63 3.28
C MET A 369 2.55 20.49 2.74
N TYR A 370 2.68 19.96 1.53
CA TYR A 370 4.00 19.56 1.04
C TYR A 370 4.45 20.05 -0.35
N HIS A 371 3.50 20.39 -1.22
CA HIS A 371 3.87 20.90 -2.54
C HIS A 371 4.81 19.96 -3.30
N LEU A 372 4.55 18.67 -3.22
CA LEU A 372 5.28 17.70 -3.99
C LEU A 372 4.37 17.08 -5.04
N PRO A 373 4.95 16.47 -6.07
CA PRO A 373 4.13 15.67 -6.98
C PRO A 373 3.41 14.58 -6.16
N LEU A 374 2.23 14.16 -6.61
CA LEU A 374 1.47 13.14 -5.91
C LEU A 374 1.11 12.01 -6.86
N PHE A 375 0.84 10.85 -6.29
CA PHE A 375 0.58 9.67 -7.11
C PHE A 375 -0.43 8.77 -6.41
N ILE A 376 -1.65 8.77 -6.91
CA ILE A 376 -2.67 7.85 -6.41
C ILE A 376 -2.29 6.47 -6.94
N VAL A 377 -1.69 5.66 -6.07
CA VAL A 377 -1.16 4.38 -6.48
C VAL A 377 -2.00 3.21 -5.95
N GLN A 378 -3.10 3.53 -5.30
CA GLN A 378 -4.08 2.54 -4.87
C GLN A 378 -5.45 3.21 -4.64
N ASN A 379 -6.45 2.76 -5.37
CA ASN A 379 -7.84 3.15 -5.15
C ASN A 379 -8.71 2.05 -5.76
N GLY A 380 -9.85 1.74 -5.15
CA GLY A 380 -10.64 0.63 -5.62
C GLY A 380 -11.80 0.29 -4.71
N PHE A 381 -12.60 -0.69 -5.14
CA PHE A 381 -13.82 -1.03 -4.43
C PHE A 381 -14.02 -2.55 -4.33
N GLY A 382 -13.93 -3.05 -3.10
CA GLY A 382 -14.08 -4.46 -2.85
C GLY A 382 -15.53 -4.83 -2.76
N ALA A 383 -15.93 -5.80 -3.58
CA ALA A 383 -17.32 -6.23 -3.63
C ALA A 383 -17.46 -7.67 -4.11
N ILE A 384 -18.60 -8.29 -3.77
CA ILE A 384 -18.93 -9.63 -4.22
C ILE A 384 -19.36 -9.55 -5.67
N ASP A 385 -18.80 -10.40 -6.52
CA ASP A 385 -19.19 -10.44 -7.93
C ASP A 385 -20.07 -11.64 -8.21
N GLN A 386 -21.16 -11.42 -8.96
CA GLN A 386 -21.92 -12.53 -9.51
C GLN A 386 -21.69 -12.57 -11.01
N VAL A 387 -21.54 -13.78 -11.55
CA VAL A 387 -21.34 -13.96 -12.98
C VAL A 387 -22.67 -14.06 -13.71
N GLU A 388 -22.93 -13.09 -14.57
CA GLU A 388 -24.19 -13.00 -15.30
C GLU A 388 -24.29 -14.13 -16.32
N ALA A 389 -25.50 -14.34 -16.85
CA ALA A 389 -25.76 -15.44 -17.78
C ALA A 389 -24.85 -15.44 -19.02
N ASP A 390 -24.40 -14.26 -19.43
CA ASP A 390 -23.55 -14.12 -20.60
C ASP A 390 -22.08 -14.42 -20.29
N GLY A 391 -21.82 -14.94 -19.08
CA GLY A 391 -20.47 -15.29 -18.68
C GLY A 391 -19.61 -14.12 -18.29
N MET A 392 -20.24 -12.97 -18.03
CA MET A 392 -19.48 -11.80 -17.60
C MET A 392 -20.07 -11.18 -16.34
N VAL A 393 -19.19 -10.71 -15.47
CA VAL A 393 -19.61 -9.98 -14.28
C VAL A 393 -20.02 -8.56 -14.67
N HIS A 394 -21.27 -8.21 -14.42
CA HIS A 394 -21.72 -6.85 -14.73
C HIS A 394 -21.55 -5.93 -13.53
N ASP A 395 -20.30 -5.58 -13.23
CA ASP A 395 -19.97 -4.82 -12.02
C ASP A 395 -20.09 -3.31 -12.19
N ASP A 396 -21.31 -2.82 -12.33
CA ASP A 396 -21.49 -1.39 -12.51
C ASP A 396 -21.26 -0.68 -11.19
N TYR A 397 -21.57 -1.36 -10.09
CA TYR A 397 -21.22 -0.85 -8.76
C TYR A 397 -19.75 -0.47 -8.70
N ARG A 398 -18.88 -1.30 -9.29
CA ARG A 398 -17.46 -1.02 -9.29
C ARG A 398 -17.14 0.15 -10.24
N ILE A 399 -17.79 0.15 -11.40
CA ILE A 399 -17.65 1.26 -12.34
C ILE A 399 -18.08 2.58 -11.67
N ASP A 400 -19.22 2.57 -10.99
CA ASP A 400 -19.68 3.74 -10.24
C ASP A 400 -18.63 4.30 -9.29
N TYR A 401 -18.12 3.45 -8.40
CA TYR A 401 -17.11 3.83 -7.42
C TYR A 401 -15.89 4.47 -8.09
N LEU A 402 -15.24 3.73 -8.99
CA LEU A 402 -14.03 4.26 -9.60
C LEU A 402 -14.31 5.55 -10.35
N GLY A 403 -15.40 5.60 -11.10
CA GLY A 403 -15.73 6.77 -11.89
C GLY A 403 -15.89 8.02 -11.06
N ALA A 404 -16.71 7.93 -10.02
CA ALA A 404 -16.88 9.04 -9.07
C ALA A 404 -15.53 9.54 -8.52
N HIS A 405 -14.64 8.60 -8.24
CA HIS A 405 -13.32 8.98 -7.72
C HIS A 405 -12.48 9.65 -8.79
N ILE A 406 -12.58 9.15 -10.02
CA ILE A 406 -11.81 9.70 -11.12
C ILE A 406 -12.21 11.15 -11.38
N LYS A 407 -13.51 11.41 -11.37
CA LYS A 407 -14.06 12.77 -11.49
C LYS A 407 -13.49 13.73 -10.43
N GLU A 408 -13.48 13.31 -9.18
CA GLU A 408 -12.97 14.16 -8.10
C GLU A 408 -11.46 14.43 -8.26
N MET A 409 -10.76 13.41 -8.73
CA MET A 409 -9.34 13.53 -8.94
C MET A 409 -9.10 14.54 -10.07
N ILE A 410 -10.00 14.52 -11.05
CA ILE A 410 -9.86 15.42 -12.18
C ILE A 410 -10.17 16.86 -11.78
N LYS A 411 -11.22 17.07 -11.02
CA LYS A 411 -11.48 18.39 -10.47
C LYS A 411 -10.27 18.93 -9.70
N ALA A 412 -9.57 18.05 -9.00
CA ALA A 412 -8.39 18.45 -8.23
C ALA A 412 -7.28 18.96 -9.12
N VAL A 413 -7.10 18.31 -10.27
CA VAL A 413 -6.06 18.73 -11.19
C VAL A 413 -6.53 19.97 -11.91
N ASP A 414 -7.74 19.88 -12.42
CA ASP A 414 -8.28 20.89 -13.31
C ASP A 414 -8.62 22.18 -12.58
N GLU A 415 -9.40 22.04 -11.51
CA GLU A 415 -9.87 23.19 -10.73
C GLU A 415 -8.87 23.62 -9.67
N ASP A 416 -8.14 22.67 -9.09
CA ASP A 416 -7.33 22.96 -7.90
C ASP A 416 -5.82 23.07 -8.16
N GLY A 417 -5.34 22.43 -9.23
CA GLY A 417 -3.97 22.61 -9.66
C GLY A 417 -2.91 21.74 -8.98
N VAL A 418 -3.33 20.64 -8.36
CA VAL A 418 -2.39 19.68 -7.80
C VAL A 418 -1.54 19.07 -8.89
N GLU A 419 -0.30 18.73 -8.57
CA GLU A 419 0.53 17.91 -9.44
C GLU A 419 0.22 16.44 -9.21
N LEU A 420 -0.46 15.82 -10.17
CA LEU A 420 -0.74 14.41 -10.06
C LEU A 420 -0.11 13.62 -11.21
N MET A 421 0.69 12.61 -10.83
CA MET A 421 1.47 11.86 -11.80
C MET A 421 0.64 10.84 -12.59
N GLY A 422 -0.39 10.32 -11.95
CA GLY A 422 -1.13 9.23 -12.53
C GLY A 422 -2.08 8.71 -11.49
N TYR A 423 -2.77 7.64 -11.83
CA TYR A 423 -3.83 7.07 -11.03
C TYR A 423 -3.86 5.56 -11.28
N THR A 424 -3.70 4.77 -10.22
CA THR A 424 -3.55 3.32 -10.32
C THR A 424 -4.60 2.58 -9.48
N PRO A 425 -5.70 2.15 -10.11
CA PRO A 425 -6.72 1.37 -9.37
C PRO A 425 -6.16 0.11 -8.70
N TRP A 426 -6.61 -0.16 -7.48
CA TRP A 426 -6.15 -1.32 -6.75
C TRP A 426 -6.78 -2.63 -7.25
N GLY A 427 -5.96 -3.68 -7.23
CA GLY A 427 -6.41 -5.03 -7.51
C GLY A 427 -7.05 -5.18 -8.87
N CYS A 428 -6.38 -4.64 -9.89
CA CYS A 428 -6.96 -4.57 -11.22
C CYS A 428 -7.32 -5.95 -11.74
N ILE A 429 -6.73 -6.98 -11.12
CA ILE A 429 -7.13 -8.35 -11.34
C ILE A 429 -7.44 -8.98 -9.97
N ASP A 430 -8.50 -9.78 -9.88
CA ASP A 430 -8.88 -10.36 -8.59
C ASP A 430 -7.72 -11.09 -7.93
N LEU A 431 -7.46 -10.76 -6.67
CA LEU A 431 -6.39 -11.37 -5.90
C LEU A 431 -6.81 -11.59 -4.43
N VAL A 432 -5.89 -12.10 -3.63
CA VAL A 432 -6.13 -12.33 -2.21
C VAL A 432 -6.09 -11.01 -1.41
N SER A 433 -7.18 -10.71 -0.72
CA SER A 433 -7.29 -9.44 0.00
C SER A 433 -6.28 -9.42 1.15
N ALA A 434 -5.93 -8.22 1.60
CA ALA A 434 -4.96 -8.09 2.67
C ALA A 434 -5.61 -8.32 4.04
N GLY A 435 -6.71 -7.62 4.30
CA GLY A 435 -7.34 -7.66 5.60
C GLY A 435 -7.89 -9.00 6.05
N THR A 436 -8.42 -9.77 5.13
CA THR A 436 -9.15 -10.99 5.50
C THR A 436 -8.66 -12.21 4.77
N GLY A 437 -7.83 -11.99 3.74
CA GLY A 437 -7.35 -13.10 2.92
C GLY A 437 -8.42 -13.74 2.07
N GLU A 438 -9.44 -12.96 1.70
CA GLU A 438 -10.58 -13.44 0.94
C GLU A 438 -10.42 -13.29 -0.58
N MET A 439 -10.91 -14.27 -1.33
CA MET A 439 -11.01 -14.14 -2.79
C MET A 439 -12.30 -13.42 -3.15
N ARG A 440 -13.32 -13.59 -2.30
CA ARG A 440 -14.67 -13.11 -2.60
C ARG A 440 -14.79 -11.60 -2.48
N LYS A 441 -13.81 -10.97 -1.84
CA LYS A 441 -13.73 -9.51 -1.81
C LYS A 441 -12.89 -9.07 -3.02
N ARG A 442 -13.58 -8.89 -4.14
CA ARG A 442 -12.93 -8.69 -5.43
C ARG A 442 -12.80 -7.23 -5.82
N TYR A 443 -11.63 -6.90 -6.37
CA TYR A 443 -11.34 -5.53 -6.80
C TYR A 443 -11.19 -5.41 -8.31
N GLY A 444 -11.13 -6.54 -9.01
CA GLY A 444 -10.62 -6.58 -10.37
C GLY A 444 -11.48 -6.11 -11.52
N PHE A 445 -10.79 -5.71 -12.59
CA PHE A 445 -11.40 -5.59 -13.90
C PHE A 445 -11.41 -6.98 -14.52
N ILE A 446 -10.64 -7.88 -13.92
CA ILE A 446 -10.49 -9.23 -14.44
C ILE A 446 -10.90 -10.23 -13.36
N TYR A 447 -11.92 -10.99 -13.69
CA TYR A 447 -12.41 -12.02 -12.79
C TYR A 447 -11.52 -13.25 -12.85
N VAL A 448 -11.16 -13.77 -11.68
CA VAL A 448 -10.39 -15.00 -11.62
C VAL A 448 -11.21 -16.09 -10.94
N ASP A 449 -11.34 -17.24 -11.58
CA ASP A 449 -12.19 -18.28 -11.00
C ASP A 449 -11.49 -19.01 -9.88
N LYS A 450 -11.47 -18.41 -8.71
CA LYS A 450 -11.00 -19.07 -7.50
C LYS A 450 -11.81 -18.58 -6.31
N ASP A 451 -12.33 -19.50 -5.51
CA ASP A 451 -13.11 -19.12 -4.34
C ASP A 451 -12.28 -19.16 -3.04
N ASP A 452 -12.92 -18.93 -1.91
CA ASP A 452 -12.20 -18.89 -0.64
C ASP A 452 -11.93 -20.26 -0.04
N GLU A 453 -12.62 -21.28 -0.56
CA GLU A 453 -12.33 -22.64 -0.14
C GLU A 453 -11.25 -23.23 -1.03
N GLY A 454 -10.72 -22.39 -1.90
CA GLY A 454 -9.57 -22.75 -2.73
C GLY A 454 -9.90 -23.38 -4.08
N LYS A 455 -11.17 -23.36 -4.47
CA LYS A 455 -11.60 -24.04 -5.69
C LYS A 455 -11.60 -23.12 -6.92
N GLY A 456 -11.60 -23.73 -8.10
CA GLY A 456 -11.73 -22.99 -9.34
C GLY A 456 -10.66 -23.33 -10.37
N THR A 457 -10.91 -22.95 -11.62
CA THR A 457 -9.99 -23.17 -12.72
C THR A 457 -8.89 -22.11 -12.78
N LEU A 458 -9.06 -21.02 -12.02
CA LEU A 458 -8.13 -19.89 -12.10
C LEU A 458 -8.16 -19.23 -13.48
N LYS A 459 -9.15 -19.60 -14.29
CA LYS A 459 -9.36 -18.96 -15.57
C LYS A 459 -9.65 -17.47 -15.37
N ARG A 460 -9.05 -16.65 -16.24
CA ARG A 460 -9.28 -15.22 -16.23
C ARG A 460 -10.34 -14.80 -17.25
N SER A 461 -11.31 -14.02 -16.79
CA SER A 461 -12.33 -13.45 -17.66
C SER A 461 -12.49 -11.97 -17.34
N PRO A 462 -12.64 -11.14 -18.37
CA PRO A 462 -12.87 -9.71 -18.12
C PRO A 462 -14.28 -9.44 -17.59
N LYS A 463 -14.37 -8.46 -16.70
CA LYS A 463 -15.66 -8.01 -16.20
C LYS A 463 -16.11 -6.82 -17.03
N LEU A 464 -17.34 -6.40 -16.83
CA LEU A 464 -17.90 -5.25 -17.52
C LEU A 464 -16.96 -4.04 -17.47
N SER A 465 -16.29 -3.87 -16.33
CA SER A 465 -15.49 -2.67 -16.05
C SER A 465 -14.18 -2.59 -16.82
N PHE A 466 -13.87 -3.69 -17.51
CA PHE A 466 -12.66 -3.83 -18.28
C PHE A 466 -12.66 -2.87 -19.45
N ASN A 467 -13.67 -2.97 -20.30
CA ASN A 467 -13.75 -2.06 -21.43
C ASN A 467 -14.07 -0.64 -20.99
N TRP A 468 -14.80 -0.52 -19.89
CA TRP A 468 -15.14 0.80 -19.40
C TRP A 468 -13.87 1.56 -19.11
N TYR A 469 -12.95 0.89 -18.45
CA TYR A 469 -11.70 1.51 -18.03
C TYR A 469 -10.77 1.68 -19.20
N LYS A 470 -10.77 0.68 -20.08
CA LYS A 470 -10.04 0.77 -21.34
C LYS A 470 -10.36 2.07 -22.06
N GLU A 471 -11.63 2.48 -21.97
CA GLU A 471 -12.10 3.69 -22.62
C GLU A 471 -11.75 4.93 -21.81
N VAL A 472 -11.68 4.80 -20.49
CA VAL A 472 -11.26 5.93 -19.68
C VAL A 472 -9.83 6.30 -20.06
N ILE A 473 -8.99 5.29 -20.15
CA ILE A 473 -7.60 5.52 -20.51
C ILE A 473 -7.49 6.15 -21.89
N ALA A 474 -8.23 5.62 -22.85
CA ALA A 474 -8.14 6.09 -24.24
C ALA A 474 -8.58 7.55 -24.37
N SER A 475 -9.55 7.94 -23.56
CA SER A 475 -10.06 9.30 -23.61
C SER A 475 -9.29 10.17 -22.63
N ASN A 476 -8.28 9.57 -22.02
CA ASN A 476 -7.47 10.22 -20.97
C ASN A 476 -8.33 10.94 -19.96
N GLY A 477 -9.47 10.33 -19.63
CA GLY A 477 -10.35 10.87 -18.60
C GLY A 477 -11.58 11.63 -19.08
N ASP A 478 -11.66 11.92 -20.37
CA ASP A 478 -12.80 12.68 -20.93
C ASP A 478 -14.11 11.88 -20.88
N ASP A 479 -14.01 10.58 -21.11
CA ASP A 479 -15.21 9.73 -21.19
C ASP A 479 -15.29 8.73 -20.06
N ILE A 480 -16.05 9.10 -19.04
CA ILE A 480 -16.17 8.29 -17.84
C ILE A 480 -17.59 7.73 -17.72
P P53 B . -8.21 -5.29 1.41
C1A P53 B . -7.32 -1.30 4.81
C2A P53 B . -7.24 -2.65 5.12
C4A P53 B . -6.31 -3.47 4.50
C6A P53 B . -5.46 -2.94 3.53
O6 P53 B . -7.38 -3.96 1.35
C8 P53 B . -5.54 -1.59 3.19
C10 P53 B . -6.47 -0.76 3.85
C13 P53 B . -6.56 0.70 3.51
O15 P53 B . -6.07 1.64 4.36
O1 P53 B . -4.65 -1.00 2.24
C1 P53 B . -4.40 -1.58 1.03
O1P P53 B . -9.56 -4.97 0.78
C2 P53 B . -3.33 -2.68 1.17
C3 P53 B . -3.43 -3.66 0.13
C4 P53 B . -4.75 -4.20 0.18
C5 P53 B . -5.74 -3.15 -0.27
O5 P53 B . -5.60 -1.86 0.37
O2P P53 B . -7.46 -6.27 0.55
O2 P53 B . -2.05 -2.09 1.09
O3 P53 B . -2.34 -4.66 0.29
O4 P53 B . -4.88 -5.41 -0.61
C6 P53 B . -7.11 -3.55 0.03
O3P P53 B . -8.36 -5.83 2.83
C1 GOL C . -17.46 -20.71 -6.05
O1 GOL C . -17.09 -19.42 -6.51
C2 GOL C . -17.40 -21.74 -7.19
O2 GOL C . -18.67 -21.86 -7.80
C3 GOL C . -16.33 -21.39 -8.24
O3 GOL C . -15.06 -21.90 -7.86
C1 GOL D . 4.23 12.68 -14.77
O1 GOL D . 3.69 11.82 -15.75
C2 GOL D . 3.08 13.50 -14.23
O2 GOL D . 2.11 13.57 -15.25
C3 GOL D . 3.51 14.92 -13.84
O3 GOL D . 2.36 15.68 -13.55
#